data_4EIZ
#
_entry.id   4EIZ
#
_cell.length_a   101.361
_cell.length_b   77.517
_cell.length_c   93.473
_cell.angle_alpha   90.00
_cell.angle_beta   91.28
_cell.angle_gamma   90.00
#
_symmetry.space_group_name_H-M   'C 1 2 1'
#
loop_
_entity.id
_entity.type
_entity.pdbx_description
1 polymer 'Dihydrofolate reductase'
2 polymer 'Nb113 Camel antibody fragment'
3 water water
#
loop_
_entity_poly.entity_id
_entity_poly.type
_entity_poly.pdbx_seq_one_letter_code
_entity_poly.pdbx_strand_id
1 'polypeptide(L)'
;MISLIAALAVDRVIGMENAMPWNLPADLAWFKRNTLNKPVIMGRHTWESIGRPLPGRKNIILSSQPGTDDRVTWVKSVDE
AIAACGDVPEIMVIGGGRVYEQFLPKAQKLYLTHIDAEVEGDTHFPDYEPDDWESVFSEFHDADAQNSHSYCFEILERR
;
A,B
2 'polypeptide(L)'
;QVQLQESGGGLVQAGGSLRLSCTASGRTFSSYAMGWFRQTPGKEREFVAAITWGGSTTLYADSVKGRFTMSRDNAKNTVY
LQMNSLKPEDTAVYYCAADGSQYRSTYSFRDKPDYGSWGQGTQVTVSSHHHHHH
;
C,D
#
# COMPACT_ATOMS: atom_id res chain seq x y z
N MET A 1 -5.59 23.52 -34.84
CA MET A 1 -4.58 22.50 -34.80
C MET A 1 -5.22 21.19 -34.46
N ILE A 2 -4.49 20.13 -34.68
CA ILE A 2 -4.93 18.78 -34.34
C ILE A 2 -4.30 18.32 -33.03
N SER A 3 -5.13 17.84 -32.10
CA SER A 3 -4.68 17.35 -30.81
C SER A 3 -5.10 15.89 -30.62
N LEU A 4 -4.28 15.14 -29.91
CA LEU A 4 -4.65 13.80 -29.51
C LEU A 4 -4.96 13.82 -28.02
N ILE A 5 -5.97 13.08 -27.58
CA ILE A 5 -6.23 12.96 -26.15
C ILE A 5 -6.37 11.49 -25.76
N ALA A 6 -5.65 11.07 -24.72
CA ALA A 6 -5.55 9.65 -24.40
C ALA A 6 -5.29 9.35 -22.93
N ALA A 7 -5.77 8.19 -22.47
CA ALA A 7 -5.52 7.71 -21.11
C ALA A 7 -4.58 6.50 -21.16
N LEU A 8 -3.41 6.62 -20.56
CA LEU A 8 -2.33 5.64 -20.74
C LEU A 8 -1.92 4.96 -19.43
N ALA A 9 -1.97 3.63 -19.41
CA ALA A 9 -1.35 2.85 -18.35
C ALA A 9 0.16 2.94 -18.60
N VAL A 10 0.97 2.33 -17.74
CA VAL A 10 2.42 2.37 -17.94
C VAL A 10 2.81 1.65 -19.24
N ASP A 11 3.99 1.96 -19.76
CA ASP A 11 4.44 1.46 -21.05
C ASP A 11 3.46 1.85 -22.18
N ARG A 12 2.70 2.93 -21.99
CA ARG A 12 1.78 3.45 -23.01
C ARG A 12 0.62 2.51 -23.39
N VAL A 13 0.34 1.52 -22.56
CA VAL A 13 -0.76 0.59 -22.85
C VAL A 13 -2.11 1.31 -22.77
N ILE A 14 -2.94 1.14 -23.81
CA ILE A 14 -4.27 1.74 -23.81
C ILE A 14 -5.38 0.70 -24.02
N GLY A 15 -6.64 1.15 -23.87
CA GLY A 15 -7.80 0.31 -24.11
C GLY A 15 -9.11 1.08 -23.99
N MET A 16 -10.22 0.42 -24.30
CA MET A 16 -11.51 0.99 -24.01
C MET A 16 -11.68 1.05 -22.51
N GLU A 17 -12.30 2.11 -22.01
CA GLU A 17 -12.34 2.35 -20.57
C GLU A 17 -13.02 1.25 -19.77
N ASN A 18 -14.15 0.74 -20.28
CA ASN A 18 -14.96 -0.24 -19.53
C ASN A 18 -14.34 -1.63 -19.41
N ALA A 19 -13.16 -1.82 -19.98
CA ALA A 19 -12.45 -3.08 -19.85
C ALA A 19 -11.14 -2.89 -19.08
N MET A 20 -10.77 -1.65 -18.83
CA MET A 20 -9.56 -1.36 -18.08
C MET A 20 -9.82 -1.50 -16.58
N PRO A 21 -8.87 -2.10 -15.85
CA PRO A 21 -9.01 -2.38 -14.41
C PRO A 21 -8.75 -1.16 -13.55
N TRP A 22 -9.64 -0.18 -13.66
CA TRP A 22 -9.54 1.02 -12.86
C TRP A 22 -10.85 1.78 -12.89
N ASN A 23 -10.99 2.73 -11.97
CA ASN A 23 -12.10 3.66 -11.99
C ASN A 23 -11.48 5.04 -11.83
N LEU A 24 -11.56 5.86 -12.88
CA LEU A 24 -11.01 7.20 -12.82
C LEU A 24 -12.01 8.25 -13.29
N PRO A 25 -13.02 8.55 -12.47
CA PRO A 25 -13.97 9.62 -12.81
C PRO A 25 -13.29 10.97 -13.04
N ALA A 26 -12.15 11.20 -12.38
CA ALA A 26 -11.43 12.45 -12.61
C ALA A 26 -10.92 12.55 -14.04
N ASP A 27 -10.56 11.42 -14.64
CA ASP A 27 -10.10 11.43 -16.02
C ASP A 27 -11.28 11.74 -16.94
N LEU A 28 -12.44 11.17 -16.61
CA LEU A 28 -13.66 11.43 -17.36
C LEU A 28 -13.94 12.93 -17.40
N ALA A 29 -13.81 13.61 -16.26
CA ALA A 29 -14.08 15.05 -16.19
C ALA A 29 -13.07 15.85 -17.01
N TRP A 30 -11.83 15.39 -17.00
CA TRP A 30 -10.74 16.05 -17.71
C TRP A 30 -10.94 15.88 -19.21
N PHE A 31 -11.38 14.69 -19.60
CA PHE A 31 -11.73 14.41 -20.99
C PHE A 31 -12.84 15.35 -21.50
N LYS A 32 -13.94 15.42 -20.76
CA LYS A 32 -15.07 16.25 -21.21
C LYS A 32 -14.64 17.71 -21.26
N ARG A 33 -13.85 18.12 -20.29
CA ARG A 33 -13.42 19.47 -20.23
C ARG A 33 -12.57 19.87 -21.41
N ASN A 34 -11.67 19.00 -21.83
CA ASN A 34 -10.78 19.34 -22.94
C ASN A 34 -11.33 19.07 -24.34
N THR A 35 -12.49 18.41 -24.41
CA THR A 35 -13.15 18.16 -25.70
C THR A 35 -14.39 19.02 -25.90
N LEU A 36 -14.91 19.60 -24.81
CA LEU A 36 -16.15 20.40 -24.86
C LEU A 36 -16.10 21.40 -26.02
N ASN A 37 -17.17 21.45 -26.79
CA ASN A 37 -17.29 22.40 -27.92
C ASN A 37 -16.23 22.28 -29.00
N LYS A 38 -15.62 21.12 -29.14
CA LYS A 38 -14.66 20.87 -30.23
C LYS A 38 -15.09 19.66 -31.05
N PRO A 39 -14.78 19.66 -32.34
CA PRO A 39 -15.01 18.43 -33.10
C PRO A 39 -14.12 17.29 -32.61
N VAL A 40 -14.68 16.09 -32.50
CA VAL A 40 -13.89 14.93 -32.13
C VAL A 40 -13.85 13.92 -33.26
N ILE A 41 -12.70 13.24 -33.43
CA ILE A 41 -12.55 12.20 -34.42
C ILE A 41 -12.26 10.90 -33.71
N MET A 42 -12.97 9.83 -34.06
CA MET A 42 -12.74 8.55 -33.42
C MET A 42 -12.87 7.39 -34.39
N GLY A 43 -12.35 6.24 -34.01
CA GLY A 43 -12.50 5.02 -34.78
C GLY A 43 -13.77 4.32 -34.37
N ARG A 44 -14.20 3.35 -35.17
CA ARG A 44 -15.49 2.70 -34.95
C ARG A 44 -15.54 1.93 -33.64
N HIS A 45 -14.43 1.32 -33.30
CA HIS A 45 -14.32 0.60 -32.01
C HIS A 45 -14.72 1.52 -30.85
N THR A 46 -14.14 2.73 -30.79
CA THR A 46 -14.39 3.72 -29.77
C THR A 46 -15.82 4.24 -29.84
N TRP A 47 -16.29 4.45 -31.06
CA TRP A 47 -17.67 4.83 -31.31
C TRP A 47 -18.63 3.81 -30.69
N GLU A 48 -18.35 2.53 -30.87
CA GLU A 48 -19.22 1.49 -30.34
C GLU A 48 -19.17 1.48 -28.81
N SER A 49 -17.97 1.54 -28.27
CA SER A 49 -17.81 1.54 -26.84
C SER A 49 -18.11 2.89 -26.24
N ILE A 50 -19.26 3.47 -26.54
CA ILE A 50 -19.78 4.66 -25.85
C ILE A 50 -21.20 4.89 -26.28
N GLY A 51 -21.66 4.08 -27.20
CA GLY A 51 -23.08 4.03 -27.54
C GLY A 51 -23.69 5.23 -28.19
N ARG A 52 -23.60 6.37 -27.52
CA ARG A 52 -24.19 7.61 -28.00
C ARG A 52 -23.10 8.54 -28.49
N PRO A 53 -23.48 9.62 -29.15
CA PRO A 53 -22.52 10.59 -29.62
C PRO A 53 -22.15 11.58 -28.53
N LEU A 54 -20.93 12.06 -28.55
CA LEU A 54 -20.53 13.12 -27.63
C LEU A 54 -21.35 14.39 -27.87
N PRO A 55 -22.05 14.87 -26.83
CA PRO A 55 -23.03 15.96 -26.90
C PRO A 55 -22.47 17.32 -27.33
N GLY A 56 -23.13 17.94 -28.30
CA GLY A 56 -22.82 19.30 -28.71
C GLY A 56 -21.56 19.48 -29.53
N ARG A 57 -20.93 18.38 -29.92
CA ARG A 57 -19.74 18.40 -30.74
C ARG A 57 -20.01 17.78 -32.08
N LYS A 58 -19.27 18.17 -33.09
CA LYS A 58 -19.26 17.38 -34.29
C LYS A 58 -18.56 16.07 -34.00
N ASN A 59 -19.24 14.96 -34.23
CA ASN A 59 -18.64 13.65 -33.99
C ASN A 59 -18.33 13.03 -35.33
N ILE A 60 -17.05 12.74 -35.55
CA ILE A 60 -16.62 12.20 -36.83
C ILE A 60 -16.03 10.81 -36.65
N ILE A 61 -16.61 9.82 -37.33
CA ILE A 61 -16.13 8.45 -37.21
C ILE A 61 -15.31 8.09 -38.45
N LEU A 62 -14.07 7.66 -38.23
CA LEU A 62 -13.21 7.18 -39.30
C LEU A 62 -13.32 5.66 -39.45
N SER A 63 -13.92 5.21 -40.54
CA SER A 63 -14.07 3.77 -40.81
C SER A 63 -14.14 3.44 -42.30
N SER A 64 -13.56 2.31 -42.67
CA SER A 64 -13.58 1.86 -44.06
C SER A 64 -14.94 1.29 -44.41
N GLN A 65 -15.71 0.94 -43.38
CA GLN A 65 -17.02 0.32 -43.56
C GLN A 65 -18.12 1.38 -43.55
N PRO A 66 -19.28 1.09 -44.17
CA PRO A 66 -20.33 2.10 -44.28
C PRO A 66 -20.92 2.48 -42.92
N GLY A 67 -21.38 3.72 -42.81
CA GLY A 67 -21.94 4.21 -41.55
C GLY A 67 -23.18 3.47 -41.09
N THR A 68 -23.37 3.40 -39.78
CA THR A 68 -24.54 2.70 -39.22
C THR A 68 -25.28 3.58 -38.23
N ASP A 69 -25.19 4.89 -38.40
CA ASP A 69 -25.85 5.84 -37.52
C ASP A 69 -25.74 7.25 -38.09
N ASP A 70 -26.89 7.93 -38.17
CA ASP A 70 -26.97 9.22 -38.85
C ASP A 70 -26.77 10.44 -37.97
N ARG A 71 -26.46 10.23 -36.69
CA ARG A 71 -26.21 11.35 -35.79
C ARG A 71 -24.76 11.78 -35.85
N VAL A 72 -23.95 11.04 -36.60
CA VAL A 72 -22.53 11.37 -36.68
C VAL A 72 -22.08 11.39 -38.13
N THR A 73 -20.90 11.93 -38.38
CA THR A 73 -20.37 12.01 -39.73
C THR A 73 -19.40 10.86 -39.94
N TRP A 74 -19.59 10.10 -41.03
CA TRP A 74 -18.75 8.95 -41.36
C TRP A 74 -17.78 9.25 -42.50
N VAL A 75 -16.48 9.09 -42.24
CA VAL A 75 -15.42 9.35 -43.23
C VAL A 75 -14.50 8.14 -43.35
N LYS A 76 -13.72 8.10 -44.44
CA LYS A 76 -12.97 6.91 -44.82
C LYS A 76 -11.46 7.14 -44.92
N SER A 77 -11.00 8.32 -44.50
CA SER A 77 -9.57 8.62 -44.52
C SER A 77 -9.24 9.73 -43.54
N VAL A 78 -7.96 9.84 -43.18
CA VAL A 78 -7.50 10.88 -42.28
C VAL A 78 -7.78 12.26 -42.84
N ASP A 79 -7.44 12.46 -44.11
CA ASP A 79 -7.66 13.73 -44.76
C ASP A 79 -9.15 14.06 -44.81
N GLU A 80 -9.98 13.05 -45.04
CA GLU A 80 -11.42 13.30 -45.09
C GLU A 80 -11.91 13.69 -43.70
N ALA A 81 -11.40 13.00 -42.67
CA ALA A 81 -11.78 13.33 -41.30
C ALA A 81 -11.46 14.77 -40.94
N ILE A 82 -10.23 15.19 -41.26
CA ILE A 82 -9.80 16.57 -41.01
C ILE A 82 -10.68 17.57 -41.76
N ALA A 83 -10.91 17.30 -43.05
CA ALA A 83 -11.71 18.21 -43.86
C ALA A 83 -13.12 18.36 -43.32
N ALA A 84 -13.66 17.29 -42.74
CA ALA A 84 -15.03 17.33 -42.30
C ALA A 84 -15.17 18.20 -41.05
N CYS A 85 -14.04 18.53 -40.41
CA CYS A 85 -14.07 19.41 -39.25
C CYS A 85 -14.20 20.89 -39.62
N GLY A 86 -13.96 21.23 -40.89
CA GLY A 86 -14.05 22.61 -41.34
C GLY A 86 -13.08 23.54 -40.62
N ASP A 87 -13.52 24.78 -40.39
CA ASP A 87 -12.65 25.85 -39.87
C ASP A 87 -12.86 26.02 -38.37
N VAL A 88 -12.00 25.38 -37.57
CA VAL A 88 -12.06 25.45 -36.12
C VAL A 88 -10.64 25.60 -35.54
N PRO A 89 -10.52 26.11 -34.30
CA PRO A 89 -9.17 26.27 -33.73
C PRO A 89 -8.50 24.94 -33.40
N GLU A 90 -9.29 23.95 -32.99
CA GLU A 90 -8.68 22.71 -32.53
C GLU A 90 -9.57 21.50 -32.77
N ILE A 91 -8.96 20.45 -33.31
CA ILE A 91 -9.65 19.17 -33.50
C ILE A 91 -9.10 18.18 -32.47
N MET A 92 -10.00 17.49 -31.79
CA MET A 92 -9.63 16.50 -30.79
C MET A 92 -9.76 15.09 -31.39
N VAL A 93 -8.67 14.33 -31.35
CA VAL A 93 -8.65 12.96 -31.81
C VAL A 93 -8.66 12.07 -30.58
N ILE A 94 -9.65 11.18 -30.45
CA ILE A 94 -9.88 10.51 -29.17
C ILE A 94 -9.66 9.01 -29.17
N GLY A 95 -9.10 8.47 -30.25
CA GLY A 95 -8.69 7.08 -30.27
C GLY A 95 -9.50 6.24 -31.23
N GLY A 96 -9.17 4.95 -31.36
CA GLY A 96 -8.21 4.27 -30.50
C GLY A 96 -6.83 4.12 -31.11
N GLY A 97 -6.20 2.98 -30.87
CA GLY A 97 -4.80 2.78 -31.20
C GLY A 97 -4.34 3.20 -32.59
N ARG A 98 -4.90 2.57 -33.62
CA ARG A 98 -4.55 2.87 -35.01
C ARG A 98 -4.90 4.29 -35.38
N VAL A 99 -6.00 4.76 -34.84
CA VAL A 99 -6.36 6.15 -35.03
C VAL A 99 -5.26 7.09 -34.51
N TYR A 100 -4.72 6.80 -33.30
CA TYR A 100 -3.65 7.62 -32.74
C TYR A 100 -2.41 7.61 -33.62
N GLU A 101 -2.01 6.44 -34.12
CA GLU A 101 -0.87 6.32 -35.03
C GLU A 101 -1.05 7.15 -36.30
N GLN A 102 -2.24 7.14 -36.82
CA GLN A 102 -2.54 7.85 -38.06
C GLN A 102 -2.47 9.36 -37.92
N PHE A 103 -2.89 9.87 -36.76
CA PHE A 103 -2.97 11.32 -36.56
C PHE A 103 -1.76 11.93 -35.89
N LEU A 104 -1.00 11.13 -35.14
CA LEU A 104 0.19 11.64 -34.46
C LEU A 104 1.08 12.55 -35.33
N PRO A 105 1.38 12.14 -36.58
CA PRO A 105 2.24 12.99 -37.41
C PRO A 105 1.66 14.36 -37.72
N LYS A 106 0.35 14.51 -37.59
CA LYS A 106 -0.31 15.76 -37.96
C LYS A 106 -0.62 16.60 -36.74
N ALA A 107 -0.41 16.01 -35.56
CA ALA A 107 -0.78 16.65 -34.30
C ALA A 107 0.30 17.60 -33.79
N GLN A 108 -0.13 18.67 -33.14
CA GLN A 108 0.83 19.60 -32.54
C GLN A 108 0.75 19.55 -31.01
N LYS A 109 -0.22 18.80 -30.49
CA LYS A 109 -0.54 18.83 -29.07
C LYS A 109 -1.07 17.50 -28.55
N LEU A 110 -0.64 17.09 -27.37
CA LEU A 110 -1.14 15.87 -26.75
C LEU A 110 -1.75 16.16 -25.39
N TYR A 111 -2.88 15.52 -25.08
CA TYR A 111 -3.44 15.59 -23.74
C TYR A 111 -3.46 14.17 -23.22
N LEU A 112 -2.67 13.89 -22.19
CA LEU A 112 -2.45 12.53 -21.72
C LEU A 112 -2.78 12.41 -20.24
N THR A 113 -3.46 11.33 -19.89
CA THR A 113 -3.67 10.99 -18.51
C THR A 113 -2.80 9.76 -18.22
N HIS A 114 -1.80 9.90 -17.37
CA HIS A 114 -0.97 8.75 -17.04
C HIS A 114 -1.57 8.04 -15.83
N ILE A 115 -1.74 6.73 -15.93
CA ILE A 115 -2.37 5.97 -14.86
C ILE A 115 -1.38 4.95 -14.26
N ASP A 116 -1.22 5.01 -12.95
CA ASP A 116 -0.25 4.16 -12.23
C ASP A 116 -0.73 2.72 -12.13
N ALA A 117 -0.84 2.07 -13.29
CA ALA A 117 -1.26 0.67 -13.32
C ALA A 117 -0.50 -0.07 -14.40
N GLU A 118 -0.21 -1.33 -14.15
CA GLU A 118 0.34 -2.21 -15.13
C GLU A 118 -0.77 -3.06 -15.62
N VAL A 119 -1.02 -2.97 -16.90
CA VAL A 119 -2.08 -3.77 -17.47
C VAL A 119 -1.58 -4.44 -18.75
N GLU A 120 -1.90 -5.72 -18.91
CA GLU A 120 -1.51 -6.42 -20.14
C GLU A 120 -2.39 -5.98 -21.29
N GLY A 121 -1.78 -5.78 -22.45
CA GLY A 121 -2.50 -5.38 -23.65
C GLY A 121 -1.57 -5.29 -24.83
N ASP A 122 -2.11 -5.40 -26.04
CA ASP A 122 -1.31 -5.34 -27.25
C ASP A 122 -1.48 -4.01 -27.99
N THR A 123 -2.32 -3.14 -27.43
CA THR A 123 -2.53 -1.82 -28.02
C THR A 123 -1.79 -0.77 -27.19
N HIS A 124 -1.00 0.05 -27.86
CA HIS A 124 -0.23 1.08 -27.18
C HIS A 124 -0.41 2.44 -27.84
N PHE A 125 -0.35 3.50 -27.05
CA PHE A 125 -0.22 4.83 -27.62
C PHE A 125 1.11 4.88 -28.37
N PRO A 126 1.18 5.66 -29.45
CA PRO A 126 2.45 5.73 -30.19
C PRO A 126 3.60 6.28 -29.35
N ASP A 127 4.83 5.98 -29.75
CA ASP A 127 5.99 6.53 -29.07
C ASP A 127 6.08 8.04 -29.34
N TYR A 128 6.04 8.84 -28.28
CA TYR A 128 6.28 10.28 -28.41
C TYR A 128 7.68 10.66 -27.87
N GLU A 129 8.65 10.75 -28.76
CA GLU A 129 10.02 11.03 -28.38
C GLU A 129 10.22 12.36 -27.64
N PRO A 130 10.82 12.31 -26.44
CA PRO A 130 11.05 13.47 -25.58
C PRO A 130 11.67 14.66 -26.31
N ASP A 131 12.55 14.39 -27.26
CA ASP A 131 13.21 15.45 -28.01
C ASP A 131 12.28 16.19 -28.96
N ASP A 132 11.13 15.58 -29.27
CA ASP A 132 10.18 16.20 -30.20
C ASP A 132 9.03 16.91 -29.50
N TRP A 133 8.77 16.53 -28.25
CA TRP A 133 7.61 17.02 -27.52
C TRP A 133 7.99 17.70 -26.22
N GLU A 134 7.57 18.95 -26.05
CA GLU A 134 7.81 19.67 -24.82
C GLU A 134 6.64 19.54 -23.85
N SER A 135 6.92 19.14 -22.62
CA SER A 135 5.87 19.04 -21.61
C SER A 135 5.52 20.42 -21.09
N VAL A 136 4.30 20.89 -21.33
CA VAL A 136 3.95 22.24 -20.88
C VAL A 136 3.01 22.29 -19.67
N PHE A 137 2.60 21.13 -19.17
CA PHE A 137 1.68 21.07 -18.04
C PHE A 137 1.69 19.67 -17.46
N SER A 138 1.74 19.59 -16.12
CA SER A 138 1.67 18.31 -15.42
C SER A 138 0.95 18.50 -14.07
N GLU A 139 0.00 17.62 -13.76
CA GLU A 139 -0.79 17.80 -12.55
C GLU A 139 -1.06 16.44 -11.93
N PHE A 140 -0.40 16.18 -10.81
CA PHE A 140 -0.35 14.87 -10.18
C PHE A 140 -1.48 14.69 -9.18
N HIS A 141 -2.12 13.52 -9.20
CA HIS A 141 -3.13 13.20 -8.19
C HIS A 141 -2.94 11.80 -7.64
N ASP A 142 -3.34 11.59 -6.39
CA ASP A 142 -3.34 10.24 -5.81
C ASP A 142 -4.73 9.62 -5.82
N ALA A 143 -4.79 8.33 -5.50
CA ALA A 143 -6.04 7.63 -5.37
C ALA A 143 -6.89 8.18 -4.23
N ASP A 144 -8.21 8.08 -4.36
CA ASP A 144 -9.13 8.49 -3.31
C ASP A 144 -10.37 7.61 -3.37
N ALA A 145 -11.47 8.07 -2.78
CA ALA A 145 -12.69 7.27 -2.72
C ALA A 145 -13.22 6.95 -4.10
N GLN A 146 -13.04 7.90 -5.02
CA GLN A 146 -13.59 7.78 -6.37
C GLN A 146 -12.59 7.20 -7.37
N ASN A 147 -11.31 7.50 -7.17
CA ASN A 147 -10.28 7.12 -8.14
C ASN A 147 -9.34 6.05 -7.62
N SER A 148 -9.21 4.98 -8.40
CA SER A 148 -8.57 3.75 -7.93
C SER A 148 -7.05 3.81 -7.90
N HIS A 149 -6.47 4.69 -8.70
CA HIS A 149 -5.01 4.73 -8.83
C HIS A 149 -4.57 6.17 -8.86
N SER A 150 -3.27 6.35 -8.64
CA SER A 150 -2.63 7.64 -8.86
C SER A 150 -2.72 7.90 -10.35
N TYR A 151 -2.88 9.16 -10.73
CA TYR A 151 -3.02 9.54 -12.13
C TYR A 151 -2.43 10.93 -12.32
N CYS A 152 -1.84 11.18 -13.48
CA CYS A 152 -1.19 12.47 -13.75
C CYS A 152 -1.64 13.00 -15.11
N PHE A 153 -2.24 14.20 -15.11
CA PHE A 153 -2.61 14.84 -16.36
C PHE A 153 -1.39 15.52 -16.97
N GLU A 154 -1.23 15.39 -18.29
CA GLU A 154 -0.11 16.03 -18.97
C GLU A 154 -0.48 16.57 -20.34
N ILE A 155 0.01 17.77 -20.63
CA ILE A 155 -0.15 18.37 -21.94
C ILE A 155 1.25 18.58 -22.50
N LEU A 156 1.46 18.12 -23.72
CA LEU A 156 2.74 18.34 -24.40
C LEU A 156 2.49 19.00 -25.75
N GLU A 157 3.42 19.84 -26.18
CA GLU A 157 3.32 20.57 -27.42
C GLU A 157 4.49 20.22 -28.27
N ARG A 158 4.27 19.99 -29.56
CA ARG A 158 5.33 19.62 -30.47
C ARG A 158 6.34 20.75 -30.53
N ARG A 159 7.61 20.40 -30.41
CA ARG A 159 8.67 21.37 -30.51
C ARG A 159 8.83 21.73 -31.97
N MET B 1 3.27 -0.17 42.19
CA MET B 1 2.57 -1.09 41.35
C MET B 1 3.48 -1.82 40.40
N ILE B 2 2.96 -2.92 39.94
CA ILE B 2 3.62 -3.72 38.94
C ILE B 2 3.03 -3.46 37.56
N SER B 3 3.89 -3.19 36.60
CA SER B 3 3.47 -2.93 35.24
C SER B 3 4.11 -3.90 34.27
N LEU B 4 3.37 -4.30 33.24
CA LEU B 4 3.92 -5.11 32.16
C LEU B 4 4.12 -4.22 30.94
N ILE B 5 5.23 -4.40 30.25
CA ILE B 5 5.44 -3.68 29.01
C ILE B 5 5.83 -4.67 27.92
N ALA B 6 5.13 -4.59 26.78
CA ALA B 6 5.27 -5.58 25.70
C ALA B 6 4.91 -5.00 24.33
N ALA B 7 5.55 -5.52 23.28
CA ALA B 7 5.22 -5.24 21.89
C ALA B 7 4.48 -6.43 21.28
N LEU B 8 3.27 -6.20 20.79
CA LEU B 8 2.39 -7.28 20.30
C LEU B 8 2.09 -7.14 18.81
N ALA B 9 2.37 -8.18 18.04
CA ALA B 9 1.83 -8.24 16.68
C ALA B 9 0.33 -8.58 16.81
N VAL B 10 -0.41 -8.74 15.71
CA VAL B 10 -1.83 -9.08 15.84
C VAL B 10 -2.01 -10.44 16.51
N ASP B 11 -3.20 -10.69 17.05
CA ASP B 11 -3.51 -11.92 17.79
C ASP B 11 -2.58 -12.08 19.01
N ARG B 12 -2.06 -10.96 19.51
CA ARG B 12 -1.19 -10.97 20.69
C ARG B 12 0.09 -11.77 20.53
N VAL B 13 0.53 -11.99 19.29
CA VAL B 13 1.80 -12.70 19.08
C VAL B 13 2.99 -11.81 19.52
N ILE B 14 3.88 -12.38 20.34
CA ILE B 14 5.09 -11.68 20.75
C ILE B 14 6.32 -12.49 20.39
N GLY B 15 7.49 -11.86 20.48
CA GLY B 15 8.74 -12.55 20.18
C GLY B 15 9.94 -11.69 20.53
N MET B 16 11.12 -12.29 20.61
CA MET B 16 12.33 -11.52 20.89
C MET B 16 12.51 -10.46 19.79
N GLU B 17 13.02 -9.29 20.18
CA GLU B 17 13.12 -8.13 19.29
C GLU B 17 13.66 -8.44 17.90
N ASN B 18 14.84 -9.06 17.85
CA ASN B 18 15.54 -9.26 16.59
C ASN B 18 14.89 -10.27 15.65
N ALA B 19 14.14 -11.22 16.20
CA ALA B 19 13.50 -12.24 15.38
C ALA B 19 12.36 -11.65 14.56
N MET B 20 11.78 -10.57 15.06
CA MET B 20 10.54 -10.02 14.49
C MET B 20 10.73 -9.24 13.18
N PRO B 21 9.82 -9.46 12.21
CA PRO B 21 9.93 -8.88 10.87
C PRO B 21 9.44 -7.43 10.77
N TRP B 22 10.05 -6.55 11.54
CA TRP B 22 9.75 -5.12 11.45
C TRP B 22 10.94 -4.29 11.92
N ASN B 23 10.86 -2.98 11.71
CA ASN B 23 11.79 -2.04 12.30
C ASN B 23 10.96 -0.94 12.93
N LEU B 24 11.01 -0.84 14.26
CA LEU B 24 10.27 0.19 14.96
C LEU B 24 11.13 0.91 16.00
N PRO B 25 12.05 1.77 15.54
CA PRO B 25 12.82 2.56 16.49
C PRO B 25 11.91 3.38 17.41
N ALA B 26 10.72 3.76 16.94
CA ALA B 26 9.79 4.49 17.81
C ALA B 26 9.42 3.69 19.06
N ASP B 27 9.25 2.38 18.91
CA ASP B 27 8.88 1.52 20.03
C ASP B 27 10.06 1.33 20.97
N LEU B 28 11.27 1.32 20.42
CA LEU B 28 12.47 1.23 21.25
C LEU B 28 12.54 2.44 22.17
N ALA B 29 12.26 3.60 21.60
CA ALA B 29 12.30 4.85 22.35
C ALA B 29 11.22 4.87 23.43
N TRP B 30 10.02 4.41 23.07
CA TRP B 30 8.91 4.28 24.01
C TRP B 30 9.30 3.33 25.13
N PHE B 31 9.85 2.19 24.76
CA PHE B 31 10.33 1.24 25.75
C PHE B 31 11.35 1.87 26.70
N LYS B 32 12.30 2.63 26.15
CA LYS B 32 13.35 3.24 26.98
C LYS B 32 12.81 4.29 27.94
N ARG B 33 12.02 5.22 27.47
CA ARG B 33 11.55 6.21 28.37
C ARG B 33 10.57 5.76 29.43
N ASN B 34 9.91 4.65 29.17
CA ASN B 34 8.96 4.08 30.13
C ASN B 34 9.59 3.13 31.15
N THR B 35 10.81 2.69 30.90
CA THR B 35 11.52 1.83 31.84
C THR B 35 12.69 2.55 32.53
N LEU B 36 13.06 3.71 32.03
CA LEU B 36 14.19 4.47 32.58
C LEU B 36 13.97 4.76 34.07
N ASN B 37 15.04 4.63 34.85
CA ASN B 37 15.00 4.86 36.30
C ASN B 37 13.99 3.99 37.05
N LYS B 38 13.67 2.82 36.49
CA LYS B 38 12.82 1.86 37.20
C LYS B 38 13.46 0.48 37.17
N PRO B 39 13.24 -0.32 38.22
CA PRO B 39 13.70 -1.71 38.23
C PRO B 39 12.96 -2.51 37.16
N VAL B 40 13.66 -3.41 36.47
CA VAL B 40 13.04 -4.24 35.45
C VAL B 40 13.19 -5.71 35.78
N ILE B 41 12.15 -6.49 35.51
CA ILE B 41 12.19 -7.93 35.73
C ILE B 41 12.06 -8.63 34.38
N MET B 42 12.87 -9.66 34.17
CA MET B 42 12.84 -10.38 32.90
C MET B 42 13.20 -11.85 33.12
N GLY B 43 12.81 -12.69 32.16
CA GLY B 43 13.21 -14.09 32.16
C GLY B 43 14.60 -14.22 31.56
N ARG B 44 15.17 -15.42 31.63
CA ARG B 44 16.54 -15.62 31.17
C ARG B 44 16.72 -15.43 29.67
N HIS B 45 15.75 -15.88 28.88
CA HIS B 45 15.85 -15.74 27.42
C HIS B 45 15.86 -14.27 27.01
N THR B 46 15.06 -13.47 27.68
CA THR B 46 15.07 -12.03 27.45
C THR B 46 16.43 -11.43 27.84
N TRP B 47 16.94 -11.83 29.02
CA TRP B 47 18.26 -11.42 29.44
C TRP B 47 19.31 -11.73 28.38
N GLU B 48 19.31 -12.97 27.89
CA GLU B 48 20.28 -13.38 26.89
C GLU B 48 20.17 -12.57 25.60
N SER B 49 18.94 -12.19 25.23
CA SER B 49 18.74 -11.46 23.99
C SER B 49 19.20 -10.00 24.06
N ILE B 50 19.23 -9.41 25.26
CA ILE B 50 19.65 -8.01 25.38
C ILE B 50 21.17 -7.86 25.53
N GLY B 51 21.84 -8.91 25.96
CA GLY B 51 23.30 -8.93 25.98
C GLY B 51 23.97 -8.32 27.20
N ARG B 52 23.52 -7.14 27.61
CA ARG B 52 24.12 -6.45 28.74
C ARG B 52 23.00 -5.82 29.58
N PRO B 53 23.30 -5.37 30.81
CA PRO B 53 22.21 -4.78 31.62
C PRO B 53 21.64 -3.51 31.02
N LEU B 54 20.33 -3.28 31.20
CA LEU B 54 19.76 -1.97 30.91
C LEU B 54 20.26 -0.99 31.96
N PRO B 55 20.92 0.09 31.53
CA PRO B 55 21.70 1.01 32.38
C PRO B 55 20.94 1.80 33.45
N GLY B 56 21.58 1.99 34.60
CA GLY B 56 21.10 2.89 35.65
C GLY B 56 19.91 2.40 36.46
N ARG B 57 19.74 1.09 36.53
CA ARG B 57 18.61 0.50 37.24
C ARG B 57 18.85 -0.93 37.63
N LYS B 58 18.05 -1.41 38.56
CA LYS B 58 18.16 -2.81 38.93
C LYS B 58 17.66 -3.67 37.77
N ASN B 59 18.50 -4.59 37.32
CA ASN B 59 18.10 -5.61 36.37
C ASN B 59 17.91 -6.92 37.12
N ILE B 60 16.67 -7.39 37.23
CA ILE B 60 16.37 -8.61 37.97
C ILE B 60 16.00 -9.74 37.03
N ILE B 61 16.71 -10.86 37.11
CA ILE B 61 16.48 -12.01 36.23
C ILE B 61 15.84 -13.15 37.00
N LEU B 62 14.66 -13.57 36.57
CA LEU B 62 13.95 -14.68 37.21
C LEU B 62 14.25 -15.98 36.48
N SER B 63 15.00 -16.85 37.16
CA SER B 63 15.44 -18.12 36.59
C SER B 63 15.63 -19.17 37.68
N SER B 64 15.33 -20.42 37.35
CA SER B 64 15.43 -21.51 38.30
C SER B 64 16.86 -22.04 38.37
N GLN B 65 17.72 -21.55 37.48
CA GLN B 65 19.10 -22.00 37.39
C GLN B 65 20.04 -20.91 37.90
N PRO B 66 21.24 -21.30 38.36
CA PRO B 66 22.23 -20.36 38.89
C PRO B 66 22.55 -19.27 37.89
N GLY B 67 22.81 -18.06 38.40
CA GLY B 67 23.16 -16.93 37.57
C GLY B 67 24.51 -17.04 36.90
N THR B 68 24.65 -16.43 35.72
CA THR B 68 25.90 -16.47 34.98
C THR B 68 26.40 -15.08 34.62
N ASP B 69 26.03 -14.08 35.42
CA ASP B 69 26.49 -12.72 35.22
C ASP B 69 26.25 -11.90 36.47
N ASP B 70 27.33 -11.40 37.06
CA ASP B 70 27.26 -10.71 38.35
C ASP B 70 26.85 -9.24 38.24
N ARG B 71 26.54 -8.78 37.03
CA ARG B 71 26.11 -7.41 36.81
C ARG B 71 24.63 -7.25 37.10
N VAL B 72 23.92 -8.36 37.20
CA VAL B 72 22.47 -8.33 37.44
C VAL B 72 22.08 -9.17 38.63
N THR B 73 20.83 -9.07 39.06
CA THR B 73 20.34 -9.82 40.22
C THR B 73 19.51 -11.02 39.81
N TRP B 74 19.87 -12.19 40.33
CA TRP B 74 19.25 -13.46 39.99
C TRP B 74 18.34 -13.94 41.12
N VAL B 75 17.08 -14.20 40.79
CA VAL B 75 16.10 -14.65 41.78
C VAL B 75 15.34 -15.85 41.26
N LYS B 76 14.70 -16.59 42.16
CA LYS B 76 14.10 -17.88 41.82
C LYS B 76 12.58 -17.94 41.96
N SER B 77 11.94 -16.80 42.22
CA SER B 77 10.48 -16.77 42.29
C SER B 77 9.91 -15.37 42.09
N VAL B 78 8.65 -15.34 41.66
CA VAL B 78 7.91 -14.10 41.44
C VAL B 78 7.97 -13.19 42.67
N ASP B 79 7.69 -13.75 43.84
CA ASP B 79 7.73 -12.97 45.06
C ASP B 79 9.15 -12.45 45.33
N GLU B 80 10.15 -13.30 45.12
CA GLU B 80 11.53 -12.84 45.30
C GLU B 80 11.85 -11.72 44.33
N ALA B 81 11.46 -11.88 43.07
CA ALA B 81 11.72 -10.86 42.06
C ALA B 81 11.17 -9.50 42.45
N ILE B 82 9.95 -9.48 42.97
CA ILE B 82 9.32 -8.24 43.40
C ILE B 82 10.11 -7.62 44.57
N ALA B 83 10.38 -8.42 45.59
CA ALA B 83 11.12 -7.93 46.75
C ALA B 83 12.49 -7.38 46.37
N ALA B 84 13.14 -7.99 45.39
CA ALA B 84 14.46 -7.55 44.94
C ALA B 84 14.44 -6.17 44.30
N CYS B 85 13.25 -5.73 43.84
CA CYS B 85 13.11 -4.40 43.26
C CYS B 85 13.14 -3.30 44.32
N GLY B 86 12.95 -3.69 45.57
CA GLY B 86 12.97 -2.73 46.66
C GLY B 86 11.70 -1.92 46.72
N ASP B 87 11.78 -0.77 47.39
CA ASP B 87 10.62 0.09 47.63
C ASP B 87 10.58 1.21 46.60
N VAL B 88 9.80 0.98 45.53
CA VAL B 88 9.72 1.92 44.41
C VAL B 88 8.27 2.10 43.96
N PRO B 89 7.96 3.24 43.32
CA PRO B 89 6.60 3.48 42.81
C PRO B 89 6.14 2.47 41.75
N GLU B 90 7.05 2.03 40.89
CA GLU B 90 6.64 1.20 39.75
C GLU B 90 7.73 0.24 39.31
N ILE B 91 7.36 -1.04 39.19
CA ILE B 91 8.22 -2.08 38.66
C ILE B 91 7.76 -2.47 37.26
N MET B 92 8.69 -2.50 36.30
CA MET B 92 8.38 -2.87 34.93
C MET B 92 8.79 -4.31 34.63
N VAL B 93 7.82 -5.14 34.27
CA VAL B 93 8.09 -6.50 33.85
C VAL B 93 8.23 -6.53 32.31
N ILE B 94 9.38 -6.97 31.81
CA ILE B 94 9.66 -6.78 30.38
C ILE B 94 9.65 -8.08 29.54
N GLY B 95 9.14 -9.17 30.11
CA GLY B 95 8.97 -10.39 29.34
C GLY B 95 10.00 -11.43 29.71
N GLY B 96 9.97 -12.59 29.05
CA GLY B 96 9.07 -12.82 27.94
C GLY B 96 7.77 -13.50 28.32
N GLY B 97 7.26 -14.33 27.42
CA GLY B 97 5.94 -14.93 27.52
C GLY B 97 5.59 -15.50 28.88
N ARG B 98 6.37 -16.49 29.32
CA ARG B 98 6.10 -17.16 30.60
C ARG B 98 6.09 -16.17 31.75
N VAL B 99 7.00 -15.21 31.69
CA VAL B 99 7.11 -14.19 32.71
C VAL B 99 5.89 -13.26 32.74
N TYR B 100 5.36 -12.94 31.55
CA TYR B 100 4.15 -12.14 31.47
C TYR B 100 2.98 -12.88 32.11
N GLU B 101 2.83 -14.17 31.79
CA GLU B 101 1.77 -14.97 32.39
C GLU B 101 1.89 -15.00 33.91
N GLN B 102 3.12 -15.00 34.40
CA GLN B 102 3.37 -15.11 35.84
C GLN B 102 3.03 -13.83 36.57
N PHE B 103 3.31 -12.69 35.93
CA PHE B 103 3.16 -11.40 36.60
C PHE B 103 1.83 -10.68 36.39
N LEU B 104 1.13 -11.04 35.31
CA LEU B 104 -0.15 -10.39 34.97
C LEU B 104 -1.16 -10.32 36.13
N PRO B 105 -1.39 -11.44 36.83
CA PRO B 105 -2.42 -11.31 37.88
C PRO B 105 -1.98 -10.42 39.04
N LYS B 106 -0.71 -10.02 39.08
CA LYS B 106 -0.23 -9.11 40.11
C LYS B 106 -0.09 -7.69 39.57
N ALA B 107 -0.21 -7.56 38.26
CA ALA B 107 0.00 -6.30 37.57
C ALA B 107 -1.20 -5.37 37.67
N GLN B 108 -0.95 -4.07 37.81
CA GLN B 108 -2.03 -3.09 37.81
C GLN B 108 -2.08 -2.32 36.49
N LYS B 109 -1.05 -2.48 35.65
CA LYS B 109 -0.90 -1.59 34.51
C LYS B 109 -0.18 -2.28 33.35
N LEU B 110 -0.60 -1.94 32.13
CA LEU B 110 -0.04 -2.53 30.92
C LEU B 110 0.42 -1.42 30.01
N TYR B 111 1.64 -1.55 29.51
CA TYR B 111 2.12 -0.68 28.44
C TYR B 111 2.26 -1.54 27.18
N LEU B 112 1.38 -1.35 26.20
CA LEU B 112 1.38 -2.22 25.02
C LEU B 112 1.70 -1.47 23.75
N THR B 113 2.61 -2.03 22.96
CA THR B 113 2.83 -1.54 21.62
C THR B 113 2.18 -2.54 20.66
N HIS B 114 1.11 -2.11 19.99
CA HIS B 114 0.45 -2.92 18.97
C HIS B 114 1.10 -2.67 17.62
N ILE B 115 1.50 -3.74 16.94
CA ILE B 115 2.15 -3.62 15.64
C ILE B 115 1.29 -4.22 14.54
N ASP B 116 1.08 -3.44 13.48
CA ASP B 116 0.22 -3.89 12.38
C ASP B 116 0.89 -4.94 11.49
N ALA B 117 1.16 -6.11 12.06
CA ALA B 117 1.77 -7.17 11.29
C ALA B 117 1.19 -8.53 11.71
N GLU B 118 1.08 -9.44 10.75
CA GLU B 118 0.74 -10.83 11.04
C GLU B 118 2.03 -11.64 11.09
N VAL B 119 2.30 -12.25 12.23
CA VAL B 119 3.55 -12.97 12.46
C VAL B 119 3.23 -14.32 13.09
N GLU B 120 3.75 -15.40 12.54
CA GLU B 120 3.52 -16.69 13.16
C GLU B 120 4.47 -16.89 14.33
N GLY B 121 3.92 -17.29 15.46
CA GLY B 121 4.72 -17.65 16.62
C GLY B 121 3.89 -18.45 17.59
N ASP B 122 4.58 -19.08 18.52
CA ASP B 122 3.94 -19.95 19.44
C ASP B 122 3.77 -19.21 20.77
N THR B 123 4.30 -18.01 20.87
CA THR B 123 4.26 -17.24 22.11
C THR B 123 3.31 -16.06 21.98
N HIS B 124 2.39 -15.97 22.93
CA HIS B 124 1.40 -14.91 22.94
C HIS B 124 1.43 -14.23 24.28
N PHE B 125 1.27 -12.92 24.27
CA PHE B 125 0.97 -12.17 25.48
C PHE B 125 -0.34 -12.75 26.02
N PRO B 126 -0.54 -12.77 27.35
CA PRO B 126 -1.76 -13.38 27.86
C PRO B 126 -3.00 -12.55 27.55
N ASP B 127 -4.17 -13.19 27.57
CA ASP B 127 -5.41 -12.50 27.27
C ASP B 127 -5.76 -11.49 28.36
N TYR B 128 -5.80 -10.21 28.00
CA TYR B 128 -6.27 -9.17 28.91
C TYR B 128 -7.74 -8.84 28.62
N GLU B 129 -8.64 -9.51 29.35
CA GLU B 129 -10.08 -9.35 29.15
C GLU B 129 -10.53 -7.91 29.41
N PRO B 130 -11.25 -7.31 28.45
CA PRO B 130 -11.80 -5.95 28.51
C PRO B 130 -12.46 -5.64 29.85
N ASP B 131 -13.22 -6.58 30.35
CA ASP B 131 -13.91 -6.39 31.60
C ASP B 131 -12.99 -6.04 32.77
N ASP B 132 -11.73 -6.40 32.69
CA ASP B 132 -10.78 -6.21 33.78
C ASP B 132 -9.84 -5.01 33.55
N TRP B 133 -9.72 -4.59 32.29
CA TRP B 133 -8.77 -3.54 31.93
C TRP B 133 -9.40 -2.32 31.29
N GLU B 134 -8.96 -1.14 31.73
CA GLU B 134 -9.44 0.12 31.19
C GLU B 134 -8.34 0.81 30.41
N SER B 135 -8.60 1.04 29.13
CA SER B 135 -7.66 1.74 28.27
C SER B 135 -7.72 3.22 28.61
N VAL B 136 -6.59 3.79 29.00
CA VAL B 136 -6.57 5.17 29.45
C VAL B 136 -5.73 6.08 28.55
N PHE B 137 -5.07 5.48 27.57
CA PHE B 137 -4.28 6.23 26.63
C PHE B 137 -4.05 5.38 25.40
N SER B 138 -4.12 6.02 24.24
CA SER B 138 -3.82 5.34 22.98
C SER B 138 -3.16 6.33 22.03
N GLU B 139 -2.03 5.93 21.45
CA GLU B 139 -1.30 6.81 20.55
C GLU B 139 -0.97 6.12 19.21
N PHE B 140 -1.69 6.50 18.17
CA PHE B 140 -1.61 5.83 16.86
C PHE B 140 -0.57 6.47 15.94
N HIS B 141 0.25 5.66 15.28
CA HIS B 141 1.18 6.19 14.28
C HIS B 141 1.17 5.34 13.02
N ASP B 142 1.41 5.96 11.87
CA ASP B 142 1.64 5.22 10.63
C ASP B 142 3.11 4.96 10.41
N ALA B 143 3.41 4.08 9.46
CA ALA B 143 4.78 3.79 9.06
C ALA B 143 5.41 5.03 8.45
N ASP B 144 6.73 5.16 8.56
CA ASP B 144 7.42 6.30 7.97
C ASP B 144 8.78 5.85 7.53
N ALA B 145 9.70 6.80 7.35
CA ALA B 145 11.06 6.48 6.94
C ALA B 145 11.73 5.50 7.91
N GLN B 146 11.48 5.66 9.20
CA GLN B 146 12.17 4.87 10.19
C GLN B 146 11.38 3.65 10.64
N ASN B 147 10.06 3.75 10.60
CA ASN B 147 9.22 2.70 11.15
C ASN B 147 8.46 1.92 10.08
N SER B 148 8.61 0.60 10.10
CA SER B 148 8.13 -0.22 8.99
C SER B 148 6.62 -0.43 8.95
N HIS B 149 5.96 -0.31 10.10
CA HIS B 149 4.53 -0.64 10.18
C HIS B 149 3.80 0.40 10.99
N SER B 150 2.48 0.46 10.81
CA SER B 150 1.66 1.21 11.75
C SER B 150 1.83 0.59 13.14
N TYR B 151 1.86 1.43 14.16
CA TYR B 151 2.00 0.96 15.52
C TYR B 151 1.15 1.84 16.41
N CYS B 152 0.59 1.25 17.46
CA CYS B 152 -0.21 2.03 18.39
C CYS B 152 0.24 1.73 19.82
N PHE B 153 0.65 2.77 20.56
CA PHE B 153 0.93 2.61 21.98
C PHE B 153 -0.36 2.67 22.78
N GLU B 154 -0.47 1.79 23.76
CA GLU B 154 -1.66 1.77 24.62
C GLU B 154 -1.28 1.57 26.08
N ILE B 155 -1.94 2.31 26.96
CA ILE B 155 -1.78 2.10 28.39
C ILE B 155 -3.13 1.71 28.96
N LEU B 156 -3.14 0.60 29.69
CA LEU B 156 -4.34 0.09 30.28
C LEU B 156 -4.16 -0.03 31.80
N GLU B 157 -5.22 0.26 32.54
CA GLU B 157 -5.24 0.13 33.98
C GLU B 157 -6.25 -0.89 34.44
N ARG B 158 -5.90 -1.67 35.45
CA ARG B 158 -6.80 -2.69 35.97
C ARG B 158 -8.00 -2.04 36.63
N ARG B 159 -9.18 -2.60 36.41
CA ARG B 159 -10.39 -2.06 36.98
C ARG B 159 -10.68 -2.60 38.38
N VAL C 2 -17.40 1.53 14.18
CA VAL C 2 -18.63 1.46 14.97
C VAL C 2 -19.93 1.72 14.17
N GLN C 3 -20.01 2.84 13.48
CA GLN C 3 -21.12 3.14 12.55
C GLN C 3 -20.58 3.19 11.13
N LEU C 4 -21.12 2.32 10.27
CA LEU C 4 -20.55 2.10 8.96
C LEU C 4 -21.53 2.43 7.85
N GLN C 5 -21.03 3.03 6.78
CA GLN C 5 -21.87 3.34 5.63
C GLN C 5 -21.11 3.08 4.35
N GLU C 6 -21.55 2.08 3.59
CA GLU C 6 -20.99 1.79 2.28
C GLU C 6 -21.54 2.74 1.22
N SER C 7 -20.79 2.90 0.14
CA SER C 7 -21.28 3.62 -1.02
C SER C 7 -20.50 3.17 -2.25
N GLY C 8 -21.05 3.44 -3.43
CA GLY C 8 -20.38 3.15 -4.67
C GLY C 8 -21.01 2.06 -5.50
N GLY C 9 -22.02 1.38 -4.95
CA GLY C 9 -22.64 0.30 -5.70
C GLY C 9 -23.39 0.76 -6.93
N GLY C 10 -23.60 -0.15 -7.89
CA GLY C 10 -24.40 0.16 -9.06
C GLY C 10 -24.28 -0.89 -10.16
N LEU C 11 -24.68 -0.53 -11.36
CA LEU C 11 -24.63 -1.44 -12.50
C LEU C 11 -23.31 -1.34 -13.25
N VAL C 12 -22.76 -2.48 -13.64
CA VAL C 12 -21.56 -2.48 -14.46
C VAL C 12 -21.64 -3.60 -15.49
N GLN C 13 -21.07 -3.37 -16.67
CA GLN C 13 -21.00 -4.40 -17.70
C GLN C 13 -19.95 -5.40 -17.27
N ALA C 14 -20.15 -6.66 -17.62
CA ALA C 14 -19.16 -7.69 -17.35
C ALA C 14 -17.77 -7.26 -17.86
N GLY C 15 -16.74 -7.44 -17.06
CA GLY C 15 -15.39 -7.03 -17.47
C GLY C 15 -14.97 -5.70 -16.88
N GLY C 16 -15.95 -4.91 -16.46
CA GLY C 16 -15.72 -3.57 -15.94
C GLY C 16 -15.38 -3.54 -14.46
N SER C 17 -15.16 -2.32 -13.96
CA SER C 17 -14.70 -2.09 -12.58
C SER C 17 -15.66 -1.24 -11.77
N LEU C 18 -15.66 -1.45 -10.47
CA LEU C 18 -16.39 -0.61 -9.54
C LEU C 18 -15.54 -0.43 -8.30
N ARG C 19 -15.69 0.72 -7.65
CA ARG C 19 -14.92 1.02 -6.44
C ARG C 19 -15.89 1.33 -5.32
N LEU C 20 -15.92 0.48 -4.30
CA LEU C 20 -16.77 0.77 -3.14
C LEU C 20 -15.95 1.38 -2.02
N SER C 21 -16.62 2.16 -1.18
CA SER C 21 -15.97 2.69 -0.01
C SER C 21 -16.88 2.40 1.16
N CYS C 22 -16.30 2.39 2.35
CA CYS C 22 -17.04 2.16 3.57
C CYS C 22 -16.49 3.15 4.58
N THR C 23 -17.35 4.08 5.01
CA THR C 23 -16.93 5.17 5.86
C THR C 23 -17.40 4.94 7.29
N ALA C 24 -16.48 5.03 8.23
CA ALA C 24 -16.80 4.78 9.63
C ALA C 24 -17.00 6.07 10.39
N SER C 25 -18.11 6.17 11.13
CA SER C 25 -18.36 7.34 11.96
C SER C 25 -18.55 6.91 13.41
N GLY C 26 -18.75 7.87 14.30
CA GLY C 26 -18.82 7.58 15.72
C GLY C 26 -17.46 7.24 16.28
N ARG C 27 -17.26 5.99 16.68
CA ARG C 27 -15.99 5.58 17.29
C ARG C 27 -14.92 5.41 16.23
N THR C 28 -13.68 5.73 16.59
CA THR C 28 -12.55 5.46 15.74
C THR C 28 -12.51 3.95 15.57
N PHE C 29 -12.20 3.50 14.36
CA PHE C 29 -12.19 2.07 14.09
C PHE C 29 -10.79 1.52 13.86
N SER C 30 -9.77 2.33 14.11
CA SER C 30 -8.40 2.01 13.69
C SER C 30 -7.68 0.99 14.57
N SER C 31 -8.38 0.41 15.54
CA SER C 31 -7.86 -0.73 16.28
C SER C 31 -8.58 -2.03 15.88
N TYR C 32 -9.47 -1.93 14.89
CA TYR C 32 -10.22 -3.10 14.47
C TYR C 32 -9.89 -3.52 13.04
N ALA C 33 -9.75 -4.82 12.82
CA ALA C 33 -9.73 -5.36 11.45
C ALA C 33 -11.10 -5.05 10.81
N MET C 34 -11.13 -4.98 9.49
CA MET C 34 -12.34 -4.62 8.74
C MET C 34 -12.50 -5.66 7.63
N GLY C 35 -13.74 -5.97 7.26
CA GLY C 35 -13.99 -6.96 6.24
C GLY C 35 -15.12 -6.59 5.28
N TRP C 36 -15.06 -7.12 4.05
CA TRP C 36 -16.13 -6.96 3.08
C TRP C 36 -16.85 -8.29 2.92
N PHE C 37 -18.18 -8.22 2.85
CA PHE C 37 -19.00 -9.40 2.64
C PHE C 37 -20.02 -9.14 1.52
N ARG C 38 -20.56 -10.21 0.96
CA ARG C 38 -21.61 -10.05 -0.02
C ARG C 38 -22.72 -11.07 0.22
N GLN C 39 -23.92 -10.74 -0.25
CA GLN C 39 -25.08 -11.58 0.02
C GLN C 39 -26.17 -11.27 -0.97
N THR C 40 -26.75 -12.31 -1.56
CA THR C 40 -27.94 -12.18 -2.39
C THR C 40 -29.12 -12.79 -1.66
N PRO C 41 -30.06 -11.94 -1.21
CA PRO C 41 -31.29 -12.33 -0.50
C PRO C 41 -31.93 -13.61 -1.03
N GLY C 42 -32.44 -14.43 -0.13
CA GLY C 42 -32.16 -14.32 1.29
C GLY C 42 -31.17 -15.42 1.61
N LYS C 43 -30.07 -15.43 0.86
CA LYS C 43 -29.15 -16.56 0.88
C LYS C 43 -27.97 -16.32 1.80
N GLU C 44 -27.03 -17.25 1.78
CA GLU C 44 -25.90 -17.22 2.70
C GLU C 44 -24.95 -16.06 2.40
N ARG C 45 -24.68 -15.25 3.43
CA ARG C 45 -23.66 -14.22 3.36
C ARG C 45 -22.26 -14.82 3.14
N GLU C 46 -21.49 -14.21 2.25
CA GLU C 46 -20.18 -14.74 1.86
C GLU C 46 -19.02 -13.78 2.17
N PHE C 47 -17.97 -14.29 2.80
CA PHE C 47 -16.76 -13.51 3.09
C PHE C 47 -16.08 -13.13 1.78
N VAL C 48 -15.69 -11.86 1.63
CA VAL C 48 -15.01 -11.42 0.41
C VAL C 48 -13.55 -11.04 0.66
N ALA C 49 -13.31 -10.20 1.65
CA ALA C 49 -11.95 -9.75 1.96
C ALA C 49 -11.88 -9.18 3.37
N ALA C 50 -10.68 -9.19 3.96
CA ALA C 50 -10.46 -8.59 5.28
C ALA C 50 -9.11 -7.88 5.28
N ILE C 51 -8.95 -6.91 6.19
CA ILE C 51 -7.70 -6.18 6.30
C ILE C 51 -7.37 -5.92 7.77
N THR C 52 -6.09 -5.90 8.13
CA THR C 52 -5.75 -5.64 9.53
C THR C 52 -6.02 -4.19 9.88
N TRP C 53 -6.10 -3.92 11.19
CA TRP C 53 -6.32 -2.57 11.71
C TRP C 53 -5.47 -1.47 11.09
N GLY C 54 -4.18 -1.74 10.89
CA GLY C 54 -3.31 -0.67 10.38
C GLY C 54 -3.26 -0.63 8.86
N GLY C 55 -3.82 -1.67 8.23
CA GLY C 55 -4.01 -1.68 6.78
C GLY C 55 -2.94 -2.38 5.94
N SER C 56 -2.00 -3.04 6.60
CA SER C 56 -0.85 -3.60 5.88
C SER C 56 -1.13 -4.98 5.32
N THR C 57 -2.15 -5.65 5.85
CA THR C 57 -2.28 -7.06 5.53
C THR C 57 -3.71 -7.43 5.20
N THR C 58 -3.89 -8.14 4.09
CA THR C 58 -5.20 -8.48 3.55
C THR C 58 -5.36 -9.98 3.39
N LEU C 59 -6.62 -10.40 3.25
CA LEU C 59 -6.97 -11.78 3.01
C LEU C 59 -8.22 -11.79 2.12
N TYR C 60 -8.24 -12.65 1.10
CA TYR C 60 -9.30 -12.68 0.11
C TYR C 60 -9.90 -14.07 -0.04
N ALA C 61 -11.19 -14.12 -0.39
CA ALA C 61 -11.82 -15.34 -0.85
C ALA C 61 -11.21 -15.72 -2.20
N ASP C 62 -11.04 -17.00 -2.44
CA ASP C 62 -10.52 -17.52 -3.71
C ASP C 62 -11.21 -16.94 -4.94
N SER C 63 -12.53 -16.80 -4.87
CA SER C 63 -13.30 -16.37 -6.02
C SER C 63 -13.04 -14.93 -6.45
N VAL C 64 -12.42 -14.12 -5.59
CA VAL C 64 -12.11 -12.73 -5.95
C VAL C 64 -10.61 -12.42 -6.06
N LYS C 65 -9.77 -13.42 -5.80
CA LYS C 65 -8.32 -13.21 -5.86
C LYS C 65 -7.84 -12.77 -7.23
N GLY C 66 -6.97 -11.76 -7.25
CA GLY C 66 -6.46 -11.22 -8.50
C GLY C 66 -7.41 -10.20 -9.12
N ARG C 67 -8.64 -10.12 -8.62
CA ARG C 67 -9.62 -9.19 -9.19
C ARG C 67 -9.96 -8.03 -8.25
N PHE C 68 -10.12 -8.33 -6.96
CA PHE C 68 -10.56 -7.34 -5.98
C PHE C 68 -9.38 -6.97 -5.11
N THR C 69 -9.30 -5.71 -4.69
CA THR C 69 -8.29 -5.28 -3.73
C THR C 69 -8.96 -4.53 -2.60
N MET C 70 -8.70 -4.94 -1.38
CA MET C 70 -9.17 -4.17 -0.23
C MET C 70 -8.05 -3.27 0.30
N SER C 71 -8.38 -2.02 0.57
CA SER C 71 -7.38 -1.13 1.14
C SER C 71 -8.00 -0.23 2.20
N ARG C 72 -7.18 0.58 2.83
CA ARG C 72 -7.60 1.28 4.03
C ARG C 72 -6.91 2.64 4.15
N ASP C 73 -7.68 3.63 4.59
CA ASP C 73 -7.12 4.94 4.89
C ASP C 73 -7.57 5.32 6.30
N ASN C 74 -6.72 5.08 7.28
CA ASN C 74 -7.10 5.37 8.66
C ASN C 74 -7.32 6.86 8.96
N ALA C 75 -6.57 7.72 8.28
CA ALA C 75 -6.74 9.16 8.46
C ALA C 75 -8.15 9.61 8.05
N LYS C 76 -8.81 8.86 7.19
CA LYS C 76 -10.17 9.19 6.76
C LYS C 76 -11.18 8.20 7.24
N ASN C 77 -10.79 7.33 8.13
CA ASN C 77 -11.71 6.35 8.71
C ASN C 77 -12.47 5.62 7.61
N THR C 78 -11.74 5.18 6.60
CA THR C 78 -12.36 4.58 5.44
C THR C 78 -11.60 3.34 4.97
N VAL C 79 -12.36 2.33 4.54
CA VAL C 79 -11.81 1.22 3.78
C VAL C 79 -12.48 1.20 2.41
N TYR C 80 -11.82 0.57 1.44
CA TYR C 80 -12.28 0.58 0.07
C TYR C 80 -12.23 -0.84 -0.44
N LEU C 81 -13.07 -1.14 -1.41
CA LEU C 81 -12.94 -2.38 -2.19
C LEU C 81 -12.89 -2.02 -3.67
N GLN C 82 -11.74 -2.24 -4.29
CA GLN C 82 -11.60 -2.01 -5.73
C GLN C 82 -11.90 -3.31 -6.45
N MET C 83 -12.91 -3.29 -7.32
CA MET C 83 -13.37 -4.51 -7.96
C MET C 83 -13.16 -4.47 -9.47
N ASN C 84 -12.20 -5.22 -9.97
CA ASN C 84 -12.00 -5.27 -11.42
C ASN C 84 -12.46 -6.58 -12.03
N SER C 85 -12.62 -6.59 -13.35
CA SER C 85 -12.98 -7.81 -14.07
C SER C 85 -14.22 -8.45 -13.47
N LEU C 86 -15.26 -7.64 -13.27
CA LEU C 86 -16.46 -8.10 -12.59
C LEU C 86 -17.23 -9.08 -13.45
N LYS C 87 -18.00 -9.93 -12.78
CA LYS C 87 -18.72 -11.02 -13.45
C LYS C 87 -20.15 -11.08 -12.94
N PRO C 88 -21.09 -11.63 -13.75
CA PRO C 88 -22.48 -11.76 -13.31
C PRO C 88 -22.62 -12.34 -11.91
N GLU C 89 -21.84 -13.37 -11.58
CA GLU C 89 -21.95 -13.99 -10.26
C GLU C 89 -21.43 -13.12 -9.12
N ASP C 90 -20.81 -11.99 -9.44
CA ASP C 90 -20.39 -11.04 -8.42
C ASP C 90 -21.57 -10.17 -7.96
N THR C 91 -22.69 -10.27 -8.67
CA THR C 91 -23.90 -9.52 -8.32
C THR C 91 -24.40 -9.84 -6.91
N ALA C 92 -24.46 -8.83 -6.05
CA ALA C 92 -24.89 -9.04 -4.67
C ALA C 92 -24.94 -7.71 -3.98
N VAL C 93 -25.49 -7.71 -2.77
CA VAL C 93 -25.35 -6.60 -1.85
C VAL C 93 -24.00 -6.76 -1.14
N TYR C 94 -23.17 -5.73 -1.17
CA TYR C 94 -21.90 -5.76 -0.46
C TYR C 94 -21.97 -4.96 0.83
N TYR C 95 -21.42 -5.56 1.89
CA TYR C 95 -21.48 -5.02 3.24
C TYR C 95 -20.07 -4.94 3.83
N CYS C 96 -19.77 -3.86 4.55
CA CYS C 96 -18.55 -3.86 5.35
C CYS C 96 -18.86 -4.15 6.81
N ALA C 97 -17.92 -4.78 7.50
CA ALA C 97 -18.08 -5.07 8.94
C ALA C 97 -16.82 -4.73 9.71
N ALA C 98 -16.99 -4.22 10.92
CA ALA C 98 -15.88 -4.03 11.82
C ALA C 98 -15.77 -5.26 12.69
N ASP C 99 -14.53 -5.72 12.91
CA ASP C 99 -14.26 -6.76 13.89
C ASP C 99 -14.85 -6.37 15.24
N GLY C 100 -15.42 -7.36 15.94
CA GLY C 100 -15.84 -7.16 17.33
C GLY C 100 -14.67 -7.10 18.31
N SER C 101 -13.51 -7.59 17.88
CA SER C 101 -12.33 -7.63 18.76
C SER C 101 -11.12 -6.88 18.18
N GLN C 102 -10.39 -6.21 19.06
CA GLN C 102 -9.21 -5.41 18.67
C GLN C 102 -8.01 -6.23 18.17
N TYR C 103 -7.29 -5.67 17.21
CA TYR C 103 -5.94 -6.10 16.87
C TYR C 103 -5.80 -7.59 16.50
N ARG C 104 -6.75 -8.10 15.71
CA ARG C 104 -6.69 -9.50 15.29
C ARG C 104 -6.12 -9.67 13.89
N SER C 105 -5.74 -10.90 13.55
CA SER C 105 -5.27 -11.18 12.20
C SER C 105 -6.47 -11.26 11.26
N THR C 106 -6.19 -11.23 9.96
CA THR C 106 -7.23 -11.41 8.96
C THR C 106 -7.82 -12.82 9.10
N TYR C 107 -6.95 -13.79 9.34
CA TYR C 107 -7.39 -15.18 9.51
C TYR C 107 -8.36 -15.36 10.69
N SER C 108 -8.02 -14.75 11.82
CA SER C 108 -8.90 -14.76 12.99
C SER C 108 -10.25 -14.11 12.65
N PHE C 109 -10.20 -12.95 12.00
CA PHE C 109 -11.41 -12.25 11.55
C PHE C 109 -12.30 -13.17 10.71
N ARG C 110 -11.67 -13.93 9.81
CA ARG C 110 -12.38 -14.81 8.89
C ARG C 110 -12.88 -16.09 9.56
N ASP C 111 -11.98 -16.74 10.31
CA ASP C 111 -12.23 -18.09 10.81
C ASP C 111 -12.81 -18.14 12.23
N LYS C 112 -12.72 -17.04 12.96
CA LYS C 112 -13.34 -16.96 14.28
C LYS C 112 -14.17 -15.70 14.32
N PRO C 113 -15.35 -15.75 13.66
CA PRO C 113 -16.12 -14.53 13.40
C PRO C 113 -16.56 -13.82 14.68
N ASP C 114 -16.44 -12.50 14.67
CA ASP C 114 -16.88 -11.64 15.76
C ASP C 114 -17.06 -10.26 15.17
N TYR C 115 -18.30 -9.80 15.16
CA TYR C 115 -18.64 -8.59 14.42
C TYR C 115 -19.16 -7.51 15.36
N GLY C 116 -18.47 -6.38 15.40
CA GLY C 116 -18.89 -5.30 16.28
C GLY C 116 -19.93 -4.41 15.63
N SER C 117 -19.93 -4.37 14.30
CA SER C 117 -20.66 -3.37 13.56
C SER C 117 -20.80 -3.75 12.07
N TRP C 118 -21.95 -3.44 11.48
CA TRP C 118 -22.25 -3.75 10.07
C TRP C 118 -22.80 -2.52 9.32
N GLY C 119 -22.43 -2.37 8.06
CA GLY C 119 -22.98 -1.32 7.23
C GLY C 119 -24.39 -1.68 6.78
N GLN C 120 -25.02 -0.79 6.02
CA GLN C 120 -26.38 -1.03 5.55
C GLN C 120 -26.36 -1.78 4.21
N GLY C 121 -25.23 -1.72 3.51
CA GLY C 121 -25.06 -2.47 2.28
C GLY C 121 -25.26 -1.64 1.02
N THR C 122 -24.51 -2.00 -0.02
CA THR C 122 -24.65 -1.32 -1.32
C THR C 122 -24.77 -2.38 -2.44
N GLN C 123 -25.75 -2.17 -3.31
CA GLN C 123 -26.06 -3.13 -4.36
C GLN C 123 -25.09 -3.04 -5.54
N VAL C 124 -24.54 -4.18 -5.92
CA VAL C 124 -23.66 -4.25 -7.10
C VAL C 124 -24.30 -5.19 -8.10
N THR C 125 -24.50 -4.71 -9.33
CA THR C 125 -25.18 -5.50 -10.33
C THR C 125 -24.29 -5.58 -11.56
N VAL C 126 -24.01 -6.79 -12.03
CA VAL C 126 -23.15 -6.96 -13.19
C VAL C 126 -23.93 -7.63 -14.31
N SER C 127 -24.06 -6.97 -15.45
CA SER C 127 -24.75 -7.56 -16.61
C SER C 127 -23.84 -8.52 -17.36
N SER C 128 -24.44 -9.52 -17.99
CA SER C 128 -23.68 -10.56 -18.70
C SER C 128 -23.08 -10.04 -20.00
N VAL D 2 16.17 13.87 -9.57
CA VAL D 2 17.13 13.28 -10.46
C VAL D 2 18.34 12.84 -9.67
N GLN D 3 18.61 13.49 -8.53
CA GLN D 3 19.71 13.06 -7.66
C GLN D 3 19.19 12.29 -6.44
N LEU D 4 19.91 11.25 -6.06
CA LEU D 4 19.44 10.29 -5.06
C LEU D 4 20.44 10.12 -3.90
N GLN D 5 19.90 9.87 -2.71
CA GLN D 5 20.70 9.65 -1.52
C GLN D 5 20.11 8.50 -0.70
N GLU D 6 20.81 7.37 -0.66
CA GLU D 6 20.40 6.25 0.19
C GLU D 6 20.68 6.55 1.65
N SER D 7 19.89 5.94 2.53
CA SER D 7 20.09 6.08 3.97
C SER D 7 19.56 4.85 4.70
N GLY D 8 19.97 4.68 5.96
CA GLY D 8 19.64 3.48 6.69
C GLY D 8 20.76 2.49 6.50
N GLY D 9 20.62 1.30 7.05
CA GLY D 9 21.62 0.27 6.79
C GLY D 9 22.87 0.39 7.64
N GLY D 10 23.52 -0.75 7.83
CA GLY D 10 24.63 -0.85 8.76
C GLY D 10 24.58 -2.30 9.23
N LEU D 11 24.99 -2.54 10.46
CA LEU D 11 25.07 -3.89 11.01
C LEU D 11 23.72 -4.44 11.46
N VAL D 12 23.43 -5.69 11.10
CA VAL D 12 22.22 -6.35 11.59
C VAL D 12 22.49 -7.84 11.79
N GLN D 13 21.95 -8.43 12.83
CA GLN D 13 22.08 -9.85 13.07
C GLN D 13 21.23 -10.71 12.16
N ALA D 14 21.69 -11.90 11.83
CA ALA D 14 20.97 -12.82 10.96
C ALA D 14 19.55 -13.04 11.45
N GLY D 15 18.59 -12.88 10.56
CA GLY D 15 17.20 -13.09 10.93
C GLY D 15 16.52 -11.79 11.26
N GLY D 16 17.34 -10.75 11.40
CA GLY D 16 16.82 -9.42 11.70
C GLY D 16 16.35 -8.64 10.49
N SER D 17 15.98 -7.39 10.72
CA SER D 17 15.42 -6.51 9.72
C SER D 17 16.16 -5.17 9.66
N LEU D 18 16.21 -4.57 8.48
CA LEU D 18 16.76 -3.23 8.30
C LEU D 18 15.87 -2.49 7.30
N ARG D 19 15.70 -1.18 7.50
CA ARG D 19 14.88 -0.37 6.63
C ARG D 19 15.76 0.67 5.93
N LEU D 20 15.73 0.66 4.60
CA LEU D 20 16.50 1.62 3.82
C LEU D 20 15.56 2.66 3.23
N SER D 21 16.06 3.87 3.05
CA SER D 21 15.28 4.88 2.36
C SER D 21 16.18 5.51 1.30
N CYS D 22 15.56 6.17 0.33
CA CYS D 22 16.29 6.82 -0.74
C CYS D 22 15.56 8.10 -1.09
N THR D 23 16.17 9.23 -0.79
CA THR D 23 15.53 10.52 -1.02
C THR D 23 16.04 11.17 -2.30
N ALA D 24 15.12 11.76 -3.05
CA ALA D 24 15.46 12.38 -4.31
C ALA D 24 15.26 13.89 -4.23
N SER D 25 16.12 14.61 -4.91
CA SER D 25 15.86 15.99 -5.19
C SER D 25 15.60 16.12 -6.66
N GLY D 26 14.61 16.92 -7.03
CA GLY D 26 14.20 17.03 -8.42
C GLY D 26 12.69 16.94 -8.54
N ARG D 27 12.09 17.99 -9.07
CA ARG D 27 10.63 18.12 -9.13
C ARG D 27 9.90 16.95 -9.80
N THR D 28 10.47 16.38 -10.84
CA THR D 28 9.75 15.43 -11.65
C THR D 28 9.85 13.98 -11.20
N PHE D 29 10.45 13.75 -10.03
CA PHE D 29 10.56 12.44 -9.40
C PHE D 29 9.38 11.48 -9.65
N SER D 30 8.17 11.95 -9.44
CA SER D 30 7.02 11.05 -9.43
C SER D 30 6.51 10.67 -10.84
N SER D 31 7.35 10.79 -11.86
CA SER D 31 6.97 10.27 -13.18
C SER D 31 7.93 9.15 -13.61
N TYR D 32 8.80 8.74 -12.69
CA TYR D 32 9.78 7.68 -12.97
C TYR D 32 9.61 6.46 -12.08
N ALA D 33 9.73 5.29 -12.68
CA ALA D 33 9.91 4.07 -11.91
C ALA D 33 11.21 4.21 -11.11
N MET D 34 11.29 3.53 -9.98
CA MET D 34 12.50 3.52 -9.14
C MET D 34 12.89 2.08 -8.83
N GLY D 35 14.19 1.83 -8.62
CA GLY D 35 14.65 0.49 -8.28
C GLY D 35 15.74 0.41 -7.24
N TRP D 36 15.77 -0.70 -6.52
CA TRP D 36 16.90 -0.99 -5.62
C TRP D 36 17.79 -2.06 -6.24
N PHE D 37 19.10 -1.89 -6.09
CA PHE D 37 20.07 -2.88 -6.53
C PHE D 37 21.07 -3.06 -5.40
N ARG D 38 21.80 -4.17 -5.43
CA ARG D 38 22.86 -4.39 -4.46
C ARG D 38 24.11 -4.92 -5.17
N GLN D 39 25.27 -4.66 -4.58
CA GLN D 39 26.55 -5.01 -5.20
C GLN D 39 27.60 -5.23 -4.14
N THR D 40 28.34 -6.33 -4.27
CA THR D 40 29.55 -6.53 -3.49
C THR D 40 30.76 -6.21 -4.36
N PRO D 41 31.83 -5.71 -3.75
CA PRO D 41 33.04 -5.36 -4.47
C PRO D 41 33.55 -6.40 -5.47
N GLY D 42 33.77 -5.96 -6.70
CA GLY D 42 34.28 -6.84 -7.73
C GLY D 42 33.21 -7.53 -8.55
N LYS D 43 31.97 -7.47 -8.09
CA LYS D 43 30.87 -8.16 -8.77
C LYS D 43 29.86 -7.23 -9.46
N GLU D 44 29.17 -7.75 -10.47
CA GLU D 44 28.14 -6.97 -11.15
C GLU D 44 26.98 -6.70 -10.19
N ARG D 45 26.28 -5.59 -10.40
CA ARG D 45 25.06 -5.27 -9.66
C ARG D 45 24.02 -6.37 -9.85
N GLU D 46 23.24 -6.61 -8.80
CA GLU D 46 22.12 -7.54 -8.85
C GLU D 46 20.83 -6.72 -8.69
N PHE D 47 19.85 -6.95 -9.57
CA PHE D 47 18.56 -6.27 -9.41
C PHE D 47 17.87 -6.81 -8.17
N VAL D 48 17.24 -5.93 -7.39
CA VAL D 48 16.58 -6.36 -6.17
C VAL D 48 15.06 -6.12 -6.20
N ALA D 49 14.67 -4.90 -6.52
CA ALA D 49 13.25 -4.50 -6.51
C ALA D 49 13.05 -3.30 -7.41
N ALA D 50 11.81 -3.13 -7.89
CA ALA D 50 11.40 -1.93 -8.60
C ALA D 50 9.96 -1.55 -8.25
N ILE D 51 9.59 -0.30 -8.48
CA ILE D 51 8.23 0.16 -8.22
C ILE D 51 7.83 1.16 -9.30
N THR D 52 6.56 1.14 -9.73
CA THR D 52 6.08 2.10 -10.73
C THR D 52 6.06 3.52 -10.17
N TRP D 53 5.89 4.50 -11.06
CA TRP D 53 5.90 5.92 -10.69
C TRP D 53 4.97 6.33 -9.55
N GLY D 54 3.75 5.82 -9.53
CA GLY D 54 2.76 6.22 -8.53
C GLY D 54 2.78 5.32 -7.29
N GLY D 55 3.57 4.26 -7.33
CA GLY D 55 3.84 3.43 -6.17
C GLY D 55 2.93 2.23 -5.94
N SER D 56 2.07 1.90 -6.91
CA SER D 56 1.08 0.84 -6.69
C SER D 56 1.60 -0.57 -7.02
N THR D 57 2.60 -0.66 -7.88
CA THR D 57 2.98 -1.95 -8.42
C THR D 57 4.49 -2.21 -8.27
N THR D 58 4.83 -3.39 -7.75
CA THR D 58 6.21 -3.76 -7.45
C THR D 58 6.63 -5.07 -8.12
N LEU D 59 7.94 -5.23 -8.28
CA LEU D 59 8.55 -6.43 -8.85
C LEU D 59 9.79 -6.78 -8.02
N TYR D 60 9.99 -8.06 -7.72
CA TYR D 60 11.11 -8.49 -6.89
C TYR D 60 11.93 -9.60 -7.51
N ALA D 61 13.24 -9.54 -7.27
CA ALA D 61 14.12 -10.68 -7.56
C ALA D 61 13.67 -11.85 -6.72
N ASP D 62 13.73 -13.04 -7.28
CA ASP D 62 13.39 -14.23 -6.54
C ASP D 62 14.21 -14.44 -5.25
N SER D 63 15.44 -13.99 -5.22
CA SER D 63 16.28 -14.16 -4.03
C SER D 63 15.80 -13.38 -2.80
N VAL D 64 14.93 -12.38 -3.02
CA VAL D 64 14.44 -11.56 -1.92
C VAL D 64 12.94 -11.59 -1.75
N LYS D 65 12.25 -12.27 -2.65
CA LYS D 65 10.80 -12.28 -2.63
C LYS D 65 10.28 -12.86 -1.32
N GLY D 66 9.26 -12.23 -0.74
CA GLY D 66 8.69 -12.69 0.52
C GLY D 66 9.42 -12.10 1.71
N ARG D 67 10.61 -11.55 1.48
CA ARG D 67 11.42 -11.00 2.57
C ARG D 67 11.56 -9.47 2.48
N PHE D 68 11.70 -8.97 1.26
CA PHE D 68 11.90 -7.54 1.03
C PHE D 68 10.62 -6.89 0.49
N THR D 69 10.31 -5.68 0.95
CA THR D 69 9.19 -4.91 0.41
C THR D 69 9.68 -3.51 0.03
N MET D 70 9.43 -3.11 -1.21
CA MET D 70 9.72 -1.75 -1.63
C MET D 70 8.43 -0.96 -1.66
N SER D 71 8.51 0.30 -1.24
CA SER D 71 7.33 1.16 -1.22
C SER D 71 7.78 2.58 -1.50
N ARG D 72 6.81 3.49 -1.58
CA ARG D 72 7.07 4.82 -2.10
C ARG D 72 6.23 5.90 -1.43
N ASP D 73 6.81 7.07 -1.26
CA ASP D 73 6.07 8.23 -0.80
C ASP D 73 6.39 9.43 -1.68
N ASN D 74 5.57 9.65 -2.71
CA ASN D 74 5.80 10.75 -3.65
C ASN D 74 5.71 12.14 -3.01
N ALA D 75 4.95 12.27 -1.92
CA ALA D 75 4.85 13.56 -1.24
C ALA D 75 6.16 13.92 -0.53
N LYS D 76 7.05 12.95 -0.38
CA LYS D 76 8.32 13.15 0.26
C LYS D 76 9.43 12.79 -0.65
N ASN D 77 9.11 12.51 -1.89
CA ASN D 77 10.13 12.18 -2.88
C ASN D 77 11.03 11.03 -2.42
N THR D 78 10.44 10.02 -1.81
CA THR D 78 11.23 8.94 -1.23
C THR D 78 10.67 7.58 -1.58
N VAL D 79 11.57 6.63 -1.79
CA VAL D 79 11.19 5.21 -1.85
C VAL D 79 11.89 4.52 -0.66
N TYR D 80 11.35 3.39 -0.24
CA TYR D 80 11.93 2.66 0.89
C TYR D 80 12.13 1.21 0.51
N LEU D 81 13.05 0.54 1.20
CA LEU D 81 13.22 -0.90 1.09
C LEU D 81 13.21 -1.51 2.49
N GLN D 82 12.19 -2.31 2.77
CA GLN D 82 12.07 -2.98 4.06
C GLN D 82 12.62 -4.39 3.88
N MET D 83 13.66 -4.72 4.63
CA MET D 83 14.31 -6.02 4.48
C MET D 83 14.18 -6.83 5.73
N ASN D 84 13.45 -7.94 5.65
CA ASN D 84 13.26 -8.84 6.80
C ASN D 84 14.02 -10.15 6.60
N SER D 85 14.16 -10.91 7.69
CA SER D 85 14.78 -12.24 7.64
C SER D 85 16.11 -12.25 6.88
N LEU D 86 16.96 -11.26 7.16
CA LEU D 86 18.19 -11.09 6.42
C LEU D 86 19.18 -12.23 6.69
N LYS D 87 19.99 -12.57 5.70
CA LYS D 87 21.04 -13.58 5.87
C LYS D 87 22.39 -12.96 5.54
N PRO D 88 23.49 -13.62 5.92
CA PRO D 88 24.83 -13.17 5.53
C PRO D 88 24.95 -12.88 4.04
N GLU D 89 24.35 -13.71 3.20
CA GLU D 89 24.35 -13.50 1.76
C GLU D 89 23.77 -12.18 1.33
N ASP D 90 22.94 -11.57 2.16
CA ASP D 90 22.34 -10.28 1.82
C ASP D 90 23.31 -9.11 2.00
N THR D 91 24.49 -9.40 2.54
CA THR D 91 25.49 -8.37 2.77
C THR D 91 25.99 -7.81 1.44
N ALA D 92 25.91 -6.50 1.28
CA ALA D 92 26.31 -5.80 0.06
C ALA D 92 26.08 -4.29 0.21
N VAL D 93 26.51 -3.52 -0.79
CA VAL D 93 26.10 -2.11 -0.90
C VAL D 93 24.76 -2.02 -1.65
N TYR D 94 23.79 -1.35 -1.05
CA TYR D 94 22.48 -1.20 -1.69
C TYR D 94 22.32 0.19 -2.31
N TYR D 95 21.97 0.20 -3.59
CA TYR D 95 21.81 1.44 -4.35
C TYR D 95 20.37 1.63 -4.82
N CYS D 96 19.99 2.91 -4.86
CA CYS D 96 18.71 3.38 -5.39
C CYS D 96 18.96 3.89 -6.82
N ALA D 97 18.06 3.60 -7.76
CA ALA D 97 18.21 4.10 -9.13
C ALA D 97 16.89 4.56 -9.73
N ALA D 98 16.92 5.72 -10.39
CA ALA D 98 15.74 6.24 -11.07
C ALA D 98 15.74 5.86 -12.54
N ASP D 99 14.56 5.53 -13.04
CA ASP D 99 14.38 5.24 -14.46
C ASP D 99 14.79 6.45 -15.29
N GLY D 100 15.45 6.21 -16.42
CA GLY D 100 15.75 7.29 -17.35
C GLY D 100 14.53 7.66 -18.18
N SER D 101 13.54 6.78 -18.24
CA SER D 101 12.34 7.06 -19.05
C SER D 101 11.08 7.11 -18.19
N GLN D 102 10.17 8.00 -18.57
CA GLN D 102 8.97 8.22 -17.79
C GLN D 102 7.97 7.08 -17.91
N TYR D 103 7.17 6.92 -16.85
CA TYR D 103 5.94 6.12 -16.89
C TYR D 103 6.08 4.72 -17.50
N ARG D 104 7.13 4.00 -17.11
CA ARG D 104 7.33 2.63 -17.56
C ARG D 104 6.86 1.62 -16.50
N SER D 105 6.72 0.36 -16.91
CA SER D 105 6.41 -0.72 -15.98
C SER D 105 7.67 -1.18 -15.23
N THR D 106 7.47 -1.82 -14.07
CA THR D 106 8.59 -2.42 -13.34
C THR D 106 9.33 -3.40 -14.22
N TYR D 107 8.59 -4.10 -15.08
CA TYR D 107 9.17 -5.07 -16.01
C TYR D 107 10.11 -4.43 -17.02
N SER D 108 9.69 -3.30 -17.59
CA SER D 108 10.54 -2.59 -18.54
C SER D 108 11.77 -2.04 -17.82
N PHE D 109 11.57 -1.51 -16.62
CA PHE D 109 12.66 -0.97 -15.82
C PHE D 109 13.77 -2.03 -15.66
N ARG D 110 13.36 -3.23 -15.27
CA ARG D 110 14.27 -4.35 -15.04
C ARG D 110 14.88 -4.90 -16.33
N ASP D 111 14.05 -5.10 -17.34
CA ASP D 111 14.46 -5.85 -18.53
C ASP D 111 14.94 -4.98 -19.70
N LYS D 112 14.64 -3.69 -19.68
CA LYS D 112 15.23 -2.78 -20.65
C LYS D 112 15.89 -1.62 -19.92
N PRO D 113 17.08 -1.88 -19.35
CA PRO D 113 17.74 -0.90 -18.48
C PRO D 113 17.97 0.46 -19.12
N ASP D 114 17.62 1.51 -18.37
CA ASP D 114 17.86 2.89 -18.72
C ASP D 114 17.85 3.63 -17.41
N TYR D 115 19.01 4.13 -17.01
CA TYR D 115 19.14 4.68 -15.68
C TYR D 115 19.36 6.18 -15.72
N GLY D 116 18.40 6.91 -15.14
CA GLY D 116 18.50 8.35 -15.08
C GLY D 116 19.64 8.74 -14.16
N SER D 117 19.69 8.12 -12.99
CA SER D 117 20.75 8.37 -12.02
C SER D 117 20.78 7.31 -10.92
N TRP D 118 21.79 7.43 -10.05
CA TRP D 118 22.06 6.48 -8.98
C TRP D 118 22.40 7.21 -7.67
N GLY D 119 22.12 6.56 -6.55
CA GLY D 119 22.58 7.09 -5.27
C GLY D 119 24.02 6.64 -5.08
N GLN D 120 24.65 7.07 -4.00
CA GLN D 120 26.03 6.71 -3.71
C GLN D 120 26.14 5.35 -3.00
N GLY D 121 24.99 4.83 -2.55
CA GLY D 121 24.94 3.51 -1.94
C GLY D 121 25.06 3.52 -0.43
N THR D 122 24.48 2.50 0.20
CA THR D 122 24.58 2.33 1.64
C THR D 122 24.95 0.88 2.00
N GLN D 123 25.98 0.72 2.83
CA GLN D 123 26.48 -0.61 3.20
C GLN D 123 25.52 -1.32 4.16
N VAL D 124 25.12 -2.52 3.78
CA VAL D 124 24.28 -3.36 4.63
C VAL D 124 25.09 -4.60 5.00
N THR D 125 25.22 -4.86 6.30
CA THR D 125 26.09 -5.95 6.76
C THR D 125 25.39 -6.87 7.75
N VAL D 126 25.27 -8.12 7.37
CA VAL D 126 24.58 -9.11 8.18
C VAL D 126 25.53 -10.15 8.76
N SER D 127 25.58 -10.27 10.07
CA SER D 127 26.41 -11.27 10.74
C SER D 127 25.76 -12.64 10.70
N SER D 128 26.35 -13.60 11.37
CA SER D 128 25.77 -14.92 11.38
C SER D 128 25.51 -15.41 12.78
#